data_1QSY
#
_entry.id   1QSY
#
_cell.length_a   107.935
_cell.length_b   107.935
_cell.length_c   90.237
_cell.angle_alpha   90.00
_cell.angle_beta   90.00
_cell.angle_gamma   120.00
#
_symmetry.space_group_name_H-M   'P 31 2 1'
#
loop_
_entity.id
_entity.type
_entity.pdbx_description
1 polymer "5'-D(*GP*AP*CP*CP*AP*CP*GP*GP*CP*GP*CP*(2DA))-3'"
2 polymer "5'-D(*AP*TP*TP*GP*CP*GP*CP*CP*TP*P*GP*GP*TP*C)-3'"
3 polymer 'DNA POLYMERASE I'
4 non-polymer 'MAGNESIUM ION'
5 non-polymer "2',3'-dideoxyadenosine triphosphate"
6 water water
#
loop_
_entity_poly.entity_id
_entity_poly.type
_entity_poly.pdbx_seq_one_letter_code
_entity_poly.pdbx_strand_id
1 'polydeoxyribonucleotide' (DG)(DA)(DC)(DC)(DA)(DC)(DG)(DG)(DC)(DG)(DC)(2DA) B
2 'polydeoxyribonucleotide' (DA)(DT)(DT)(DG)(DC)(DG)(DC)(DC)(DG)(DT)(DG)(DG)(DT)(DC) C
3 'polypeptide(L)'
;ALEEAPWPPPEGAFVGFVLSRKEPMWADLLALAAARGGRVHRAPEPYKALRDLKEERGLLAKDLSVLALREGLGLPPGDD
PMLLAYLLDPSNTTPEGVARRYGGEWTEEAGERAALSERLFANLWGRLEGEERLLWLYREVERPLSAVLAHMEATGVRLD
VAYLRALSLEVAEEIARLEAEVFRLAGHPFNLNSRDQLERVLFDELGLPAIGKTEKTGKRSTSAAVLEALREAHPIVEKI
LQYRELTKLKSTYIDPLPDLIHPRTGRLHTRFNQTATATGRLSSSDPNLQNIPVRTPLGQRIRRAFIAEEGWLLVALDYS
QIELRVLAHLSGDENLIRVFQEGRDIHTETASWMFGVPREAVDPLMRRAAKTINFGVLYGMSAHRLSQELAIPYEEAQAF
IERYFQSFPKVRAWIEKTLEEGRRRGYVETLFGRRRYVPDLEARVKSVREAAERMAFNMPVQGTAADLMKLAMVKLFPRL
EEMGARMLLQVHDELVLEAPKERAEAVARLAKEVMEGVYPLAVPLEVEVGIGEDWLSAK
;
A
#
loop_
_chem_comp.id
_chem_comp.type
_chem_comp.name
_chem_comp.formula
2DA DNA linking 2',3'-DIDEOXYADENOSINE-5'-MONOPHOSPHATE 'C10 H14 N5 O5 P'
DA DNA linking 2'-DEOXYADENOSINE-5'-MONOPHOSPHATE 'C10 H14 N5 O6 P'
DC DNA linking 2'-DEOXYCYTIDINE-5'-MONOPHOSPHATE 'C9 H14 N3 O7 P'
DDS non-polymer '2',3'-dideoxyadenosine triphosphate' 'C10 H16 N5 O11 P3'
DG DNA linking 2'-DEOXYGUANOSINE-5'-MONOPHOSPHATE 'C10 H14 N5 O7 P'
DT DNA linking THYMIDINE-5'-MONOPHOSPHATE 'C10 H15 N2 O8 P'
MG non-polymer 'MAGNESIUM ION' 'Mg 2'
#
# COMPACT_ATOMS: atom_id res chain seq x y z
P 2DA A 12 3.64 9.25 -2.26
OP1 2DA A 12 3.07 9.70 -3.55
OP2 2DA A 12 4.15 10.26 -1.30
O5' 2DA A 12 2.56 8.37 -1.50
C5' 2DA A 12 1.76 7.40 -2.18
C4' 2DA A 12 0.68 6.89 -1.25
O4' 2DA A 12 1.29 6.10 -0.20
C3' 2DA A 12 -0.13 7.95 -0.54
C2' 2DA A 12 -0.62 7.19 0.69
C1' 2DA A 12 0.58 6.30 1.00
N9 2DA A 12 1.50 6.87 1.98
C8 2DA A 12 2.62 7.64 1.73
N7 2DA A 12 3.26 7.99 2.82
C5 2DA A 12 2.53 7.42 3.85
C6 2DA A 12 2.69 7.42 5.25
N6 2DA A 12 3.69 8.03 5.88
N1 2DA A 12 1.77 6.76 5.99
C2 2DA A 12 0.75 6.14 5.35
N3 2DA A 12 0.50 6.07 4.05
C4 2DA A 12 1.43 6.74 3.35
N ALA C 1 -12.41 -40.19 4.56
CA ALA C 1 -13.44 -39.17 4.27
C ALA C 1 -13.24 -38.46 2.92
N LEU C 2 -12.07 -38.61 2.32
CA LEU C 2 -11.78 -37.97 1.05
C LEU C 2 -11.35 -38.96 -0.03
N GLU C 3 -12.19 -39.14 -1.05
CA GLU C 3 -11.90 -40.05 -2.15
C GLU C 3 -11.14 -39.32 -3.25
N GLU C 4 -10.64 -40.08 -4.24
CA GLU C 4 -9.86 -39.50 -5.34
C GLU C 4 -10.43 -39.89 -6.69
N ALA C 5 -10.73 -38.90 -7.52
CA ALA C 5 -11.27 -39.16 -8.85
C ALA C 5 -10.35 -38.59 -9.93
N PRO C 6 -10.51 -39.07 -11.18
CA PRO C 6 -9.72 -38.62 -12.34
C PRO C 6 -9.94 -37.13 -12.61
N TRP C 7 -8.83 -36.42 -12.85
CA TRP C 7 -8.84 -34.97 -13.08
C TRP C 7 -10.16 -34.24 -13.29
N PRO C 8 -10.80 -34.41 -14.47
CA PRO C 8 -12.06 -33.72 -14.78
C PRO C 8 -12.98 -33.40 -13.60
N PRO C 9 -12.77 -32.22 -12.97
CA PRO C 9 -13.55 -31.75 -11.81
C PRO C 9 -14.93 -31.18 -12.18
N PRO C 10 -15.94 -31.47 -11.35
CA PRO C 10 -17.27 -30.96 -11.61
C PRO C 10 -17.25 -29.44 -11.48
N GLU C 11 -18.05 -28.75 -12.28
CA GLU C 11 -18.09 -27.29 -12.24
C GLU C 11 -18.18 -26.81 -10.79
N GLY C 12 -17.63 -25.62 -10.54
CA GLY C 12 -17.65 -25.03 -9.21
C GLY C 12 -16.83 -25.73 -8.14
N ALA C 13 -15.74 -26.38 -8.53
CA ALA C 13 -14.90 -27.08 -7.56
C ALA C 13 -13.82 -26.16 -7.00
N PHE C 14 -13.31 -26.50 -5.81
CA PHE C 14 -12.27 -25.70 -5.19
C PHE C 14 -10.89 -26.15 -5.64
N VAL C 15 -10.16 -25.21 -6.24
CA VAL C 15 -8.83 -25.46 -6.77
C VAL C 15 -7.77 -25.53 -5.71
N GLY C 16 -6.67 -26.21 -6.05
CA GLY C 16 -5.53 -26.36 -5.16
C GLY C 16 -4.33 -26.41 -6.08
N PHE C 17 -3.33 -25.57 -5.84
CA PHE C 17 -2.16 -25.54 -6.71
C PHE C 17 -0.83 -25.32 -5.99
N VAL C 18 0.25 -25.72 -6.64
CA VAL C 18 1.59 -25.57 -6.08
C VAL C 18 2.51 -24.87 -7.08
N LEU C 19 3.08 -23.75 -6.65
CA LEU C 19 3.96 -22.96 -7.49
C LEU C 19 5.44 -23.18 -7.14
N SER C 20 6.31 -22.96 -8.13
CA SER C 20 7.74 -23.12 -7.89
C SER C 20 8.21 -21.97 -7.01
N ARG C 21 7.45 -20.87 -7.04
CA ARG C 21 7.76 -19.68 -6.26
C ARG C 21 6.49 -18.87 -5.98
N LYS C 22 6.56 -17.96 -5.03
CA LYS C 22 5.41 -17.15 -4.66
C LYS C 22 4.95 -16.16 -5.73
N GLU C 23 5.81 -15.78 -6.67
CA GLU C 23 5.39 -14.83 -7.70
C GLU C 23 4.63 -15.54 -8.83
N PRO C 24 3.31 -15.29 -8.93
CA PRO C 24 2.48 -15.91 -9.96
C PRO C 24 3.03 -15.74 -11.37
N MET C 25 3.47 -14.53 -11.69
CA MET C 25 4.03 -14.23 -13.00
C MET C 25 5.34 -14.95 -13.34
N TRP C 26 6.06 -15.41 -12.33
CA TRP C 26 7.33 -16.10 -12.58
C TRP C 26 7.29 -17.58 -12.20
N ALA C 27 6.24 -18.00 -11.51
CA ALA C 27 6.12 -19.37 -11.06
C ALA C 27 5.82 -20.43 -12.12
N ASP C 28 6.26 -21.65 -11.81
CA ASP C 28 6.04 -22.82 -12.64
C ASP C 28 4.90 -23.53 -11.95
N LEU C 29 3.85 -23.85 -12.69
CA LEU C 29 2.68 -24.55 -12.14
C LEU C 29 3.05 -26.02 -12.01
N LEU C 30 3.58 -26.38 -10.84
CA LEU C 30 4.01 -27.76 -10.55
C LEU C 30 2.85 -28.74 -10.34
N ALA C 31 1.79 -28.28 -9.69
CA ALA C 31 0.65 -29.17 -9.42
C ALA C 31 -0.67 -28.43 -9.39
N LEU C 32 -1.71 -29.08 -9.90
CA LEU C 32 -3.05 -28.49 -9.95
C LEU C 32 -4.06 -29.59 -9.60
N ALA C 33 -4.94 -29.33 -8.66
CA ALA C 33 -5.95 -30.29 -8.26
C ALA C 33 -7.25 -29.55 -7.94
N ALA C 34 -8.28 -30.29 -7.55
CA ALA C 34 -9.55 -29.68 -7.21
C ALA C 34 -10.32 -30.57 -6.24
N ALA C 35 -11.17 -29.97 -5.42
CA ALA C 35 -11.95 -30.70 -4.44
C ALA C 35 -13.43 -30.29 -4.51
N ARG C 36 -14.30 -31.28 -4.57
CA ARG C 36 -15.74 -31.03 -4.64
C ARG C 36 -16.46 -32.29 -4.19
N GLY C 37 -17.59 -32.10 -3.50
CA GLY C 37 -18.35 -33.23 -3.00
C GLY C 37 -17.67 -33.83 -1.78
N GLY C 38 -16.91 -34.89 -2.01
CA GLY C 38 -16.18 -35.54 -0.94
C GLY C 38 -14.99 -36.19 -1.62
N ARG C 39 -14.79 -35.77 -2.86
CA ARG C 39 -13.71 -36.28 -3.71
C ARG C 39 -12.72 -35.21 -4.11
N VAL C 40 -11.56 -35.64 -4.60
CA VAL C 40 -10.50 -34.74 -5.04
C VAL C 40 -9.93 -35.19 -6.38
N HIS C 41 -9.79 -34.24 -7.29
CA HIS C 41 -9.25 -34.55 -8.63
C HIS C 41 -7.87 -33.92 -8.83
N ARG C 42 -6.89 -34.76 -9.12
CA ARG C 42 -5.53 -34.29 -9.38
C ARG C 42 -5.28 -34.30 -10.88
N ALA C 43 -4.96 -33.12 -11.43
CA ALA C 43 -4.69 -33.01 -12.85
C ALA C 43 -3.30 -33.50 -13.21
N PRO C 44 -3.21 -34.53 -14.06
CA PRO C 44 -1.93 -35.11 -14.50
C PRO C 44 -0.99 -34.06 -15.11
N GLU C 45 -1.56 -33.19 -15.96
CA GLU C 45 -0.80 -32.09 -16.58
C GLU C 45 -1.49 -30.78 -16.23
N PRO C 46 -1.02 -30.10 -15.17
CA PRO C 46 -1.53 -28.82 -14.65
C PRO C 46 -1.78 -27.73 -15.69
N TYR C 47 -0.75 -27.39 -16.46
CA TYR C 47 -0.89 -26.36 -17.48
C TYR C 47 -2.04 -26.74 -18.41
N LYS C 48 -2.03 -28.00 -18.85
CA LYS C 48 -3.11 -28.49 -19.71
C LYS C 48 -4.42 -28.43 -18.93
N ALA C 49 -4.34 -28.76 -17.64
CA ALA C 49 -5.51 -28.76 -16.78
C ALA C 49 -6.15 -27.39 -16.62
N LEU C 50 -5.34 -26.34 -16.61
CA LEU C 50 -5.86 -24.98 -16.44
C LEU C 50 -6.98 -24.65 -17.43
N ARG C 51 -6.79 -25.09 -18.67
CA ARG C 51 -7.77 -24.85 -19.73
C ARG C 51 -9.18 -25.33 -19.39
N ASP C 52 -9.27 -26.33 -18.53
CA ASP C 52 -10.58 -26.86 -18.18
C ASP C 52 -11.35 -26.06 -17.14
N LEU C 53 -10.64 -25.43 -16.20
CA LEU C 53 -11.31 -24.65 -15.16
C LEU C 53 -12.05 -23.46 -15.77
N LYS C 54 -13.18 -23.11 -15.18
CA LYS C 54 -13.98 -21.99 -15.65
C LYS C 54 -13.81 -20.84 -14.67
N GLU C 55 -13.38 -21.18 -13.46
CA GLU C 55 -13.20 -20.19 -12.41
C GLU C 55 -12.19 -20.73 -11.40
N GLU C 56 -11.29 -19.87 -10.95
CA GLU C 56 -10.32 -20.28 -9.95
C GLU C 56 -10.91 -19.88 -8.60
N ARG C 57 -11.47 -20.85 -7.88
CA ARG C 57 -12.06 -20.53 -6.59
C ARG C 57 -11.36 -21.32 -5.49
N GLY C 58 -10.84 -20.60 -4.50
CA GLY C 58 -10.15 -21.26 -3.42
C GLY C 58 -9.00 -20.44 -2.87
N LEU C 59 -8.21 -21.05 -2.01
CA LEU C 59 -7.07 -20.41 -1.40
C LEU C 59 -6.16 -19.75 -2.43
N LEU C 60 -5.98 -18.44 -2.32
CA LEU C 60 -5.13 -17.68 -3.23
C LEU C 60 -5.60 -17.75 -4.68
N ALA C 61 -6.91 -17.65 -4.87
CA ALA C 61 -7.47 -17.71 -6.21
C ALA C 61 -6.82 -16.72 -7.18
N LYS C 62 -6.67 -15.47 -6.77
CA LYS C 62 -6.10 -14.46 -7.65
C LYS C 62 -4.73 -14.81 -8.23
N ASP C 63 -3.89 -15.48 -7.43
CA ASP C 63 -2.55 -15.84 -7.89
C ASP C 63 -2.58 -16.85 -9.02
N LEU C 64 -3.37 -17.91 -8.87
CA LEU C 64 -3.47 -18.93 -9.92
C LEU C 64 -4.04 -18.24 -11.17
N SER C 65 -5.06 -17.41 -10.97
CA SER C 65 -5.70 -16.67 -12.05
C SER C 65 -4.69 -15.76 -12.78
N VAL C 66 -3.78 -15.15 -12.01
CA VAL C 66 -2.75 -14.30 -12.60
C VAL C 66 -1.88 -15.14 -13.52
N LEU C 67 -1.51 -16.34 -13.06
CA LEU C 67 -0.67 -17.22 -13.87
C LEU C 67 -1.47 -17.65 -15.10
N ALA C 68 -2.77 -17.85 -14.92
CA ALA C 68 -3.61 -18.24 -16.05
C ALA C 68 -3.52 -17.16 -17.12
N LEU C 69 -3.80 -15.92 -16.73
CA LEU C 69 -3.75 -14.80 -17.67
C LEU C 69 -2.42 -14.78 -18.40
N ARG C 70 -1.34 -14.96 -17.65
CA ARG C 70 0.02 -14.96 -18.21
C ARG C 70 0.18 -16.03 -19.27
N GLU C 71 -0.65 -17.06 -19.19
CA GLU C 71 -0.57 -18.18 -20.10
C GLU C 71 -1.56 -18.11 -21.26
N GLY C 72 -2.43 -17.11 -21.25
CA GLY C 72 -3.39 -16.95 -22.32
C GLY C 72 -4.82 -17.33 -21.97
N LEU C 73 -5.05 -17.69 -20.71
CA LEU C 73 -6.40 -18.07 -20.30
C LEU C 73 -7.09 -16.89 -19.65
N GLY C 74 -8.43 -16.87 -19.69
CA GLY C 74 -9.16 -15.78 -19.08
C GLY C 74 -9.84 -16.20 -17.80
N LEU C 75 -9.27 -17.20 -17.13
CA LEU C 75 -9.79 -17.76 -15.89
C LEU C 75 -9.84 -16.74 -14.76
N PRO C 76 -11.03 -16.22 -14.43
CA PRO C 76 -11.18 -15.24 -13.35
C PRO C 76 -11.24 -15.90 -11.96
N PRO C 77 -10.71 -15.22 -10.92
CA PRO C 77 -10.70 -15.72 -9.54
C PRO C 77 -12.09 -15.61 -8.89
N GLY C 78 -12.51 -16.67 -8.21
CA GLY C 78 -13.81 -16.65 -7.55
C GLY C 78 -13.70 -16.61 -6.03
N ASP C 79 -14.52 -17.41 -5.35
CA ASP C 79 -14.46 -17.42 -3.89
C ASP C 79 -13.06 -17.79 -3.45
N ASP C 80 -12.63 -17.17 -2.36
CA ASP C 80 -11.32 -17.43 -1.78
C ASP C 80 -11.48 -17.23 -0.27
N PRO C 81 -11.48 -18.33 0.48
CA PRO C 81 -11.64 -18.20 1.93
C PRO C 81 -10.69 -17.18 2.58
N MET C 82 -9.50 -16.97 2.01
CA MET C 82 -8.58 -15.98 2.58
C MET C 82 -9.30 -14.64 2.70
N LEU C 83 -10.08 -14.30 1.68
CA LEU C 83 -10.83 -13.06 1.66
C LEU C 83 -11.88 -13.05 2.77
N LEU C 84 -12.50 -14.19 3.00
CA LEU C 84 -13.53 -14.30 4.03
C LEU C 84 -12.90 -14.11 5.41
N ALA C 85 -11.77 -14.79 5.63
CA ALA C 85 -11.05 -14.71 6.89
C ALA C 85 -10.52 -13.29 7.11
N TYR C 86 -10.00 -12.68 6.05
CA TYR C 86 -9.48 -11.33 6.11
C TYR C 86 -10.55 -10.36 6.57
N LEU C 87 -11.79 -10.60 6.13
CA LEU C 87 -12.90 -9.76 6.52
C LEU C 87 -13.34 -9.99 7.97
N LEU C 88 -13.27 -11.24 8.45
CA LEU C 88 -13.64 -11.55 9.84
C LEU C 88 -12.62 -10.97 10.79
N ASP C 89 -11.35 -11.01 10.37
CA ASP C 89 -10.26 -10.51 11.18
C ASP C 89 -9.10 -10.22 10.26
N PRO C 90 -8.80 -8.94 9.99
CA PRO C 90 -7.69 -8.56 9.10
C PRO C 90 -6.30 -9.03 9.54
N SER C 91 -6.22 -9.74 10.67
CA SER C 91 -4.95 -10.28 11.13
C SER C 91 -4.76 -11.64 10.46
N ASN C 92 -5.78 -12.09 9.74
CA ASN C 92 -5.70 -13.35 9.01
C ASN C 92 -5.13 -12.91 7.67
N THR C 93 -3.81 -13.01 7.52
CA THR C 93 -3.13 -12.58 6.30
C THR C 93 -2.37 -13.67 5.54
N THR C 94 -2.19 -14.83 6.15
CA THR C 94 -1.47 -15.90 5.46
C THR C 94 -2.30 -17.18 5.51
N PRO C 95 -2.15 -18.03 4.49
CA PRO C 95 -2.90 -19.28 4.45
C PRO C 95 -2.51 -20.17 5.63
N GLU C 96 -1.22 -20.21 5.94
CA GLU C 96 -0.74 -21.01 7.06
C GLU C 96 -1.61 -20.76 8.28
N GLY C 97 -1.70 -19.49 8.69
CA GLY C 97 -2.49 -19.12 9.84
C GLY C 97 -3.99 -19.33 9.67
N VAL C 98 -4.51 -18.95 8.51
CA VAL C 98 -5.93 -19.12 8.27
C VAL C 98 -6.29 -20.60 8.39
N ALA C 99 -5.37 -21.45 7.96
CA ALA C 99 -5.58 -22.90 8.01
C ALA C 99 -5.56 -23.42 9.45
N ARG C 100 -4.50 -23.09 10.18
CA ARG C 100 -4.40 -23.54 11.57
C ARG C 100 -5.54 -23.00 12.43
N ARG C 101 -6.05 -21.81 12.10
CA ARG C 101 -7.16 -21.24 12.87
C ARG C 101 -8.54 -21.69 12.46
N TYR C 102 -8.75 -21.96 11.18
CA TYR C 102 -10.09 -22.33 10.75
C TYR C 102 -10.39 -23.76 10.29
N GLY C 103 -9.41 -24.67 10.36
CA GLY C 103 -9.71 -26.03 9.97
C GLY C 103 -8.72 -26.88 9.20
N GLY C 104 -7.43 -26.66 9.38
CA GLY C 104 -6.49 -27.50 8.66
C GLY C 104 -5.04 -27.11 8.73
N GLU C 105 -4.29 -27.62 7.75
CA GLU C 105 -2.87 -27.36 7.64
C GLU C 105 -2.50 -27.04 6.20
N TRP C 106 -1.82 -25.91 6.02
CA TRP C 106 -1.36 -25.47 4.71
C TRP C 106 -0.13 -26.34 4.43
N THR C 107 -0.25 -27.25 3.46
CA THR C 107 0.85 -28.14 3.11
C THR C 107 1.50 -27.77 1.79
N GLU C 108 1.97 -28.78 1.06
CA GLU C 108 2.62 -28.51 -0.21
C GLU C 108 2.03 -29.37 -1.32
N GLU C 109 0.97 -30.09 -1.00
CA GLU C 109 0.33 -30.95 -1.98
C GLU C 109 -0.94 -30.25 -2.47
N ALA C 110 -1.09 -30.19 -3.79
CA ALA C 110 -2.23 -29.53 -4.43
C ALA C 110 -3.58 -30.16 -4.05
N GLY C 111 -3.61 -31.49 -4.00
CA GLY C 111 -4.84 -32.15 -3.64
C GLY C 111 -5.30 -31.64 -2.29
N GLU C 112 -4.38 -31.64 -1.34
CA GLU C 112 -4.66 -31.18 0.02
C GLU C 112 -5.07 -29.71 0.07
N ARG C 113 -4.48 -28.87 -0.78
CA ARG C 113 -4.83 -27.46 -0.81
C ARG C 113 -6.24 -27.33 -1.35
N ALA C 114 -6.62 -28.24 -2.24
CA ALA C 114 -7.95 -28.23 -2.84
C ALA C 114 -8.96 -28.61 -1.76
N ALA C 115 -8.70 -29.70 -1.07
CA ALA C 115 -9.58 -30.15 0.01
C ALA C 115 -9.63 -29.05 1.05
N LEU C 116 -8.46 -28.52 1.38
CA LEU C 116 -8.35 -27.46 2.37
C LEU C 116 -9.19 -26.24 2.00
N SER C 117 -9.12 -25.83 0.74
CA SER C 117 -9.89 -24.66 0.29
C SER C 117 -11.38 -24.87 0.49
N GLU C 118 -11.86 -26.05 0.10
CA GLU C 118 -13.27 -26.38 0.24
C GLU C 118 -13.76 -26.32 1.67
N ARG C 119 -13.08 -27.02 2.58
CA ARG C 119 -13.50 -27.01 3.97
C ARG C 119 -13.28 -25.64 4.62
N LEU C 120 -12.18 -24.96 4.30
CA LEU C 120 -11.95 -23.65 4.87
C LEU C 120 -13.11 -22.75 4.44
N PHE C 121 -13.47 -22.82 3.17
CA PHE C 121 -14.56 -21.99 2.69
C PHE C 121 -15.86 -22.36 3.41
N ALA C 122 -16.07 -23.64 3.62
CA ALA C 122 -17.27 -24.09 4.31
C ALA C 122 -17.34 -23.48 5.71
N ASN C 123 -16.26 -23.63 6.47
CA ASN C 123 -16.22 -23.12 7.83
C ASN C 123 -16.28 -21.59 7.90
N LEU C 124 -15.46 -20.93 7.11
CA LEU C 124 -15.45 -19.47 7.11
C LEU C 124 -16.78 -18.86 6.66
N TRP C 125 -17.38 -19.46 5.64
CA TRP C 125 -18.65 -18.93 5.16
C TRP C 125 -19.71 -19.01 6.25
N GLY C 126 -19.64 -20.05 7.07
CA GLY C 126 -20.61 -20.18 8.15
C GLY C 126 -20.43 -19.07 9.16
N ARG C 127 -19.17 -18.78 9.51
CA ARG C 127 -18.88 -17.74 10.48
C ARG C 127 -19.41 -16.37 10.08
N LEU C 128 -19.61 -16.18 8.78
CA LEU C 128 -20.11 -14.92 8.25
C LEU C 128 -21.65 -14.89 8.23
N GLU C 129 -22.26 -15.95 8.73
CA GLU C 129 -23.72 -16.06 8.77
C GLU C 129 -24.35 -14.94 9.59
N GLY C 130 -24.86 -13.93 8.91
CA GLY C 130 -25.49 -12.82 9.63
C GLY C 130 -24.65 -11.57 9.63
N GLU C 131 -23.43 -11.67 9.12
CA GLU C 131 -22.55 -10.53 9.07
C GLU C 131 -22.82 -9.79 7.75
N GLU C 132 -24.06 -9.33 7.60
CA GLU C 132 -24.50 -8.63 6.40
C GLU C 132 -23.51 -7.58 5.88
N ARG C 133 -22.98 -6.76 6.78
CA ARG C 133 -22.04 -5.73 6.38
C ARG C 133 -20.75 -6.32 5.85
N LEU C 134 -20.31 -7.43 6.43
CA LEU C 134 -19.10 -8.09 5.98
C LEU C 134 -19.36 -8.83 4.66
N LEU C 135 -20.53 -9.45 4.53
CA LEU C 135 -20.88 -10.16 3.30
C LEU C 135 -20.95 -9.19 2.14
N TRP C 136 -21.45 -7.99 2.44
CA TRP C 136 -21.57 -6.95 1.44
C TRP C 136 -20.16 -6.62 0.92
N LEU C 137 -19.23 -6.40 1.86
CA LEU C 137 -17.84 -6.09 1.49
C LEU C 137 -17.18 -7.21 0.72
N TYR C 138 -17.59 -8.45 0.99
CA TYR C 138 -17.01 -9.61 0.32
C TYR C 138 -17.49 -9.77 -1.12
N ARG C 139 -18.80 -9.68 -1.32
CA ARG C 139 -19.35 -9.86 -2.65
C ARG C 139 -19.38 -8.61 -3.51
N GLU C 140 -19.46 -7.45 -2.87
CA GLU C 140 -19.52 -6.21 -3.60
C GLU C 140 -18.13 -5.57 -3.76
N VAL C 141 -17.18 -5.98 -2.92
CA VAL C 141 -15.84 -5.39 -3.00
C VAL C 141 -14.68 -6.38 -3.20
N GLU C 142 -14.37 -7.16 -2.18
CA GLU C 142 -13.25 -8.09 -2.24
C GLU C 142 -13.28 -9.11 -3.38
N ARG C 143 -14.24 -10.04 -3.35
CA ARG C 143 -14.29 -11.07 -4.39
C ARG C 143 -14.13 -10.47 -5.78
N PRO C 144 -14.97 -9.52 -6.16
CA PRO C 144 -14.79 -8.94 -7.50
C PRO C 144 -13.43 -8.23 -7.60
N LEU C 145 -13.01 -7.51 -6.55
CA LEU C 145 -11.72 -6.82 -6.58
C LEU C 145 -10.56 -7.76 -6.97
N SER C 146 -10.59 -8.99 -6.45
CA SER C 146 -9.51 -9.95 -6.76
C SER C 146 -9.32 -10.10 -8.27
N ALA C 147 -10.41 -10.11 -9.02
CA ALA C 147 -10.34 -10.23 -10.47
C ALA C 147 -9.67 -9.01 -11.06
N VAL C 148 -10.02 -7.84 -10.56
CA VAL C 148 -9.40 -6.62 -11.06
C VAL C 148 -7.90 -6.75 -10.83
N LEU C 149 -7.52 -7.11 -9.61
CA LEU C 149 -6.10 -7.25 -9.26
C LEU C 149 -5.37 -8.26 -10.14
N ALA C 150 -6.06 -9.33 -10.53
CA ALA C 150 -5.44 -10.31 -11.40
C ALA C 150 -5.06 -9.64 -12.73
N HIS C 151 -6.01 -8.95 -13.35
CA HIS C 151 -5.71 -8.30 -14.61
C HIS C 151 -4.57 -7.29 -14.45
N MET C 152 -4.61 -6.51 -13.37
CA MET C 152 -3.55 -5.54 -13.13
C MET C 152 -2.19 -6.22 -13.07
N GLU C 153 -2.10 -7.30 -12.30
CA GLU C 153 -0.85 -8.02 -12.15
C GLU C 153 -0.27 -8.59 -13.42
N ALA C 154 -1.11 -9.28 -14.20
CA ALA C 154 -0.69 -9.87 -15.45
C ALA C 154 -0.42 -8.80 -16.52
N THR C 155 -1.10 -7.66 -16.42
CA THR C 155 -0.88 -6.60 -17.40
C THR C 155 0.49 -5.98 -17.15
N GLY C 156 0.76 -5.61 -15.90
CA GLY C 156 2.04 -5.02 -15.58
C GLY C 156 2.17 -3.60 -16.07
N VAL C 157 3.39 -3.07 -16.00
CA VAL C 157 3.66 -1.70 -16.42
C VAL C 157 5.04 -1.66 -17.06
N ARG C 158 5.19 -0.80 -18.05
CA ARG C 158 6.44 -0.66 -18.78
C ARG C 158 7.47 0.19 -18.03
N LEU C 159 8.74 -0.14 -18.24
CA LEU C 159 9.83 0.58 -17.59
C LEU C 159 10.93 0.90 -18.59
N ASP C 160 11.62 2.01 -18.39
CA ASP C 160 12.72 2.35 -19.29
C ASP C 160 14.03 1.79 -18.72
N VAL C 161 14.31 0.53 -19.04
CA VAL C 161 15.50 -0.16 -18.57
C VAL C 161 16.83 0.50 -18.91
N ALA C 162 16.95 0.98 -20.14
CA ALA C 162 18.17 1.64 -20.57
C ALA C 162 18.38 2.89 -19.73
N TYR C 163 17.28 3.57 -19.42
CA TYR C 163 17.31 4.80 -18.64
C TYR C 163 17.93 4.56 -17.27
N LEU C 164 17.43 3.56 -16.56
CA LEU C 164 17.93 3.23 -15.21
C LEU C 164 19.33 2.64 -15.26
N ARG C 165 19.58 1.81 -16.27
CA ARG C 165 20.88 1.17 -16.47
C ARG C 165 21.96 2.26 -16.45
N ALA C 166 21.71 3.35 -17.17
CA ALA C 166 22.65 4.46 -17.27
C ALA C 166 22.64 5.38 -16.07
N LEU C 167 21.46 5.55 -15.48
CA LEU C 167 21.31 6.40 -14.32
C LEU C 167 22.20 5.81 -13.21
N SER C 168 22.24 4.49 -13.15
CA SER C 168 23.01 3.76 -12.15
C SER C 168 24.51 4.08 -12.20
N LEU C 169 25.07 4.07 -13.40
CA LEU C 169 26.49 4.36 -13.56
C LEU C 169 26.77 5.78 -13.05
N GLU C 170 25.85 6.69 -13.34
CA GLU C 170 25.99 8.06 -12.92
C GLU C 170 25.97 8.18 -11.39
N VAL C 171 24.92 7.68 -10.76
CA VAL C 171 24.81 7.76 -9.30
C VAL C 171 25.96 7.01 -8.65
N ALA C 172 26.43 5.95 -9.29
CA ALA C 172 27.54 5.18 -8.76
C ALA C 172 28.70 6.13 -8.45
N GLU C 173 28.96 7.08 -9.34
CA GLU C 173 30.05 8.03 -9.16
C GLU C 173 29.80 9.05 -8.06
N GLU C 174 28.56 9.51 -7.93
CA GLU C 174 28.22 10.46 -6.89
C GLU C 174 28.34 9.84 -5.52
N ILE C 175 27.92 8.57 -5.42
CA ILE C 175 28.00 7.84 -4.17
C ILE C 175 29.47 7.78 -3.79
N ALA C 176 30.30 7.37 -4.74
CA ALA C 176 31.73 7.28 -4.51
C ALA C 176 32.26 8.62 -4.04
N ARG C 177 31.88 9.69 -4.74
CA ARG C 177 32.32 11.03 -4.38
C ARG C 177 31.92 11.38 -2.94
N LEU C 178 30.76 10.90 -2.49
CA LEU C 178 30.30 11.19 -1.14
C LEU C 178 30.99 10.32 -0.08
N GLU C 179 31.13 9.03 -0.35
CA GLU C 179 31.78 8.18 0.63
C GLU C 179 33.22 8.62 0.80
N ALA C 180 33.90 8.88 -0.32
CA ALA C 180 35.29 9.31 -0.29
C ALA C 180 35.47 10.50 0.64
N GLU C 181 34.47 11.39 0.70
CA GLU C 181 34.56 12.53 1.59
C GLU C 181 34.28 12.12 3.02
N VAL C 182 33.23 11.34 3.22
CA VAL C 182 32.88 10.87 4.55
C VAL C 182 34.13 10.31 5.24
N PHE C 183 34.86 9.45 4.52
CA PHE C 183 36.08 8.85 5.05
C PHE C 183 37.17 9.88 5.34
N ARG C 184 37.29 10.88 4.48
CA ARG C 184 38.30 11.90 4.70
C ARG C 184 37.99 12.58 6.03
N LEU C 185 36.75 13.02 6.19
CA LEU C 185 36.31 13.70 7.41
C LEU C 185 36.38 12.81 8.63
N ALA C 186 36.34 11.50 8.43
CA ALA C 186 36.41 10.57 9.56
C ALA C 186 37.87 10.25 9.85
N GLY C 187 38.73 10.51 8.86
CA GLY C 187 40.14 10.23 9.01
C GLY C 187 40.46 8.78 8.75
N HIS C 188 39.49 8.03 8.23
CA HIS C 188 39.68 6.61 7.92
C HIS C 188 38.41 6.00 7.33
N PRO C 189 38.56 5.05 6.40
CA PRO C 189 37.43 4.38 5.76
C PRO C 189 36.80 3.35 6.68
N PHE C 190 35.55 3.01 6.37
CA PHE C 190 34.78 2.02 7.12
C PHE C 190 33.51 1.76 6.32
N ASN C 191 32.81 0.69 6.64
CA ASN C 191 31.60 0.39 5.92
C ASN C 191 30.53 1.40 6.28
N LEU C 192 30.32 2.37 5.42
CA LEU C 192 29.31 3.41 5.64
C LEU C 192 27.88 2.85 5.68
N ASN C 193 27.68 1.67 5.08
CA ASN C 193 26.35 1.04 5.09
C ASN C 193 26.10 0.38 6.43
N SER C 194 27.14 0.31 7.25
CA SER C 194 27.06 -0.29 8.58
C SER C 194 26.66 0.75 9.61
N ARG C 195 25.41 0.66 10.08
CA ARG C 195 24.91 1.61 11.06
C ARG C 195 25.77 1.53 12.32
N ASP C 196 26.17 0.32 12.72
CA ASP C 196 27.00 0.15 13.91
C ASP C 196 28.37 0.83 13.77
N GLN C 197 29.01 0.65 12.62
CA GLN C 197 30.30 1.28 12.39
C GLN C 197 30.20 2.80 12.35
N LEU C 198 29.11 3.31 11.81
CA LEU C 198 28.91 4.76 11.73
C LEU C 198 28.62 5.35 13.11
N GLU C 199 27.98 4.56 13.96
CA GLU C 199 27.63 5.01 15.29
C GLU C 199 28.91 5.35 16.04
N ARG C 200 29.84 4.39 16.08
CA ARG C 200 31.10 4.56 16.75
C ARG C 200 31.85 5.79 16.25
N VAL C 201 31.79 6.02 14.94
CA VAL C 201 32.47 7.14 14.31
C VAL C 201 31.95 8.51 14.72
N LEU C 202 30.63 8.65 14.73
CA LEU C 202 30.02 9.93 15.06
C LEU C 202 30.05 10.25 16.53
N PHE C 203 29.67 9.27 17.34
CA PHE C 203 29.56 9.46 18.78
C PHE C 203 30.79 9.14 19.62
N ASP C 204 31.67 8.26 19.14
CA ASP C 204 32.88 7.95 19.91
C ASP C 204 34.11 8.62 19.32
N GLU C 205 34.44 8.29 18.08
CA GLU C 205 35.62 8.89 17.46
C GLU C 205 35.43 10.40 17.47
N LEU C 206 34.38 10.88 16.82
CA LEU C 206 34.11 12.32 16.84
C LEU C 206 33.31 12.52 18.12
N GLY C 207 33.08 13.76 18.53
CA GLY C 207 32.36 13.96 19.77
C GLY C 207 30.92 14.39 19.61
N LEU C 208 30.29 13.99 18.51
CA LEU C 208 28.91 14.40 18.28
C LEU C 208 27.99 13.86 19.35
N PRO C 209 27.14 14.73 19.91
CA PRO C 209 26.20 14.34 20.96
C PRO C 209 25.13 13.42 20.38
N ALA C 210 24.90 12.27 21.01
CA ALA C 210 23.89 11.35 20.55
C ALA C 210 22.53 12.05 20.73
N ILE C 211 21.56 11.73 19.90
CA ILE C 211 20.24 12.35 19.99
C ILE C 211 19.19 11.38 20.50
N GLY C 212 19.16 10.17 19.95
CA GLY C 212 18.19 9.18 20.36
C GLY C 212 18.78 7.80 20.36
N LYS C 213 17.98 6.82 20.79
CA LYS C 213 18.42 5.43 20.84
C LYS C 213 17.51 4.57 19.95
N THR C 214 17.99 3.39 19.59
CA THR C 214 17.21 2.48 18.75
C THR C 214 16.25 1.71 19.67
N GLU C 215 15.13 1.26 19.11
CA GLU C 215 14.08 0.59 19.87
C GLU C 215 14.31 -0.78 20.54
N LYS C 216 14.85 -1.75 19.82
CA LYS C 216 15.07 -3.08 20.39
C LYS C 216 16.39 -3.34 21.07
N THR C 217 17.42 -2.58 20.70
CA THR C 217 18.75 -2.79 21.26
C THR C 217 19.39 -1.58 21.92
N GLY C 218 18.65 -0.49 22.03
CA GLY C 218 19.19 0.69 22.67
C GLY C 218 20.48 1.29 22.13
N LYS C 219 20.78 1.08 20.86
CA LYS C 219 21.99 1.67 20.31
C LYS C 219 21.71 3.14 20.04
N ARG C 220 22.78 3.94 19.94
CA ARG C 220 22.64 5.36 19.65
C ARG C 220 22.21 5.48 18.18
N SER C 221 20.92 5.73 17.98
CA SER C 221 20.37 5.86 16.65
C SER C 221 21.16 6.78 15.75
N THR C 222 21.28 6.37 14.49
CA THR C 222 21.97 7.12 13.44
C THR C 222 20.93 7.52 12.37
N SER C 223 19.70 7.78 12.80
CA SER C 223 18.60 8.15 11.91
C SER C 223 18.85 9.39 11.07
N ALA C 224 18.07 9.53 10.01
CA ALA C 224 18.18 10.70 9.16
C ALA C 224 17.76 11.85 10.07
N ALA C 225 16.79 11.56 10.95
CA ALA C 225 16.25 12.51 11.91
C ALA C 225 17.33 12.90 12.91
N VAL C 226 18.09 11.92 13.38
CA VAL C 226 19.17 12.20 14.32
C VAL C 226 20.22 13.00 13.56
N LEU C 227 20.55 12.53 12.37
CA LEU C 227 21.54 13.19 11.53
C LEU C 227 21.15 14.61 11.14
N GLU C 228 19.87 14.91 11.02
CA GLU C 228 19.51 16.27 10.65
C GLU C 228 19.66 17.21 11.82
N ALA C 229 19.55 16.65 13.02
CA ALA C 229 19.69 17.42 14.25
C ALA C 229 21.17 17.80 14.40
N LEU C 230 22.03 17.01 13.79
CA LEU C 230 23.48 17.21 13.87
C LEU C 230 24.11 17.79 12.60
N ARG C 231 23.28 18.11 11.61
CA ARG C 231 23.79 18.64 10.34
C ARG C 231 24.80 19.77 10.49
N GLU C 232 24.58 20.65 11.47
CA GLU C 232 25.46 21.79 11.67
C GLU C 232 26.54 21.54 12.72
N ALA C 233 26.53 20.36 13.32
CA ALA C 233 27.49 20.02 14.34
C ALA C 233 28.85 19.62 13.74
N HIS C 234 28.82 19.07 12.53
CA HIS C 234 30.04 18.61 11.88
C HIS C 234 29.78 18.45 10.38
N PRO C 235 30.77 18.75 9.53
CA PRO C 235 30.62 18.62 8.08
C PRO C 235 30.28 17.24 7.57
N ILE C 236 30.68 16.21 8.32
CA ILE C 236 30.46 14.83 7.88
C ILE C 236 28.99 14.43 7.81
N VAL C 237 28.15 15.06 8.63
CA VAL C 237 26.73 14.74 8.70
C VAL C 237 25.94 14.95 7.40
N GLU C 238 26.13 16.08 6.73
CA GLU C 238 25.43 16.34 5.49
C GLU C 238 25.82 15.30 4.43
N LYS C 239 27.11 15.05 4.28
CA LYS C 239 27.60 14.07 3.31
C LYS C 239 26.92 12.71 3.49
N ILE C 240 26.82 12.28 4.74
CA ILE C 240 26.20 10.99 5.06
C ILE C 240 24.71 10.99 4.74
N LEU C 241 24.08 12.17 4.78
CA LEU C 241 22.66 12.25 4.46
C LEU C 241 22.45 12.07 2.96
N GLN C 242 23.39 12.56 2.16
CA GLN C 242 23.28 12.44 0.72
C GLN C 242 23.66 11.03 0.30
N TYR C 243 24.62 10.43 1.00
CA TYR C 243 25.03 9.06 0.71
C TYR C 243 23.83 8.16 0.99
N ARG C 244 23.20 8.36 2.15
CA ARG C 244 22.02 7.58 2.54
C ARG C 244 20.96 7.68 1.44
N GLU C 245 20.74 8.89 0.94
CA GLU C 245 19.76 9.09 -0.13
C GLU C 245 20.11 8.26 -1.37
N LEU C 246 21.21 8.62 -2.03
CA LEU C 246 21.63 7.92 -3.23
C LEU C 246 21.62 6.40 -3.11
N THR C 247 22.26 5.86 -2.09
CA THR C 247 22.33 4.41 -1.92
C THR C 247 20.95 3.80 -1.67
N LYS C 248 20.12 4.49 -0.91
CA LYS C 248 18.79 3.98 -0.67
C LYS C 248 18.13 3.81 -2.04
N LEU C 249 18.15 4.88 -2.84
CA LEU C 249 17.54 4.85 -4.16
C LEU C 249 18.15 3.88 -5.15
N LYS C 250 19.48 3.86 -5.25
CA LYS C 250 20.15 2.99 -6.19
C LYS C 250 19.97 1.49 -5.95
N SER C 251 20.02 1.08 -4.69
CA SER C 251 19.90 -0.35 -4.36
C SER C 251 18.47 -0.83 -4.24
N THR C 252 17.55 0.10 -4.06
CA THR C 252 16.14 -0.24 -3.91
C THR C 252 15.37 -0.12 -5.22
N TYR C 253 15.77 0.79 -6.10
CA TYR C 253 15.05 0.96 -7.35
C TYR C 253 15.92 0.90 -8.59
N ILE C 254 16.82 1.86 -8.72
CA ILE C 254 17.69 1.93 -9.90
C ILE C 254 18.32 0.61 -10.35
N ASP C 255 18.75 -0.23 -9.42
CA ASP C 255 19.39 -1.49 -9.79
C ASP C 255 18.48 -2.71 -9.87
N PRO C 256 17.67 -2.95 -8.84
CA PRO C 256 16.77 -4.12 -8.83
C PRO C 256 15.72 -4.15 -9.95
N LEU C 257 15.01 -3.05 -10.16
CA LEU C 257 13.96 -2.99 -11.18
C LEU C 257 14.29 -3.51 -12.58
N PRO C 258 15.39 -3.04 -13.18
CA PRO C 258 15.75 -3.50 -14.51
C PRO C 258 15.88 -5.03 -14.62
N ASP C 259 16.17 -5.69 -13.50
CA ASP C 259 16.32 -7.14 -13.50
C ASP C 259 15.00 -7.86 -13.22
N LEU C 260 13.93 -7.10 -13.00
CA LEU C 260 12.63 -7.69 -12.71
C LEU C 260 11.70 -7.72 -13.91
N ILE C 261 12.23 -7.29 -15.05
CA ILE C 261 11.46 -7.27 -16.29
C ILE C 261 11.17 -8.70 -16.73
N HIS C 262 9.91 -8.97 -17.01
CA HIS C 262 9.53 -10.30 -17.44
C HIS C 262 9.92 -10.41 -18.90
N PRO C 263 10.44 -11.58 -19.30
CA PRO C 263 10.86 -11.82 -20.69
C PRO C 263 9.72 -11.72 -21.72
N ARG C 264 8.63 -12.44 -21.46
CA ARG C 264 7.49 -12.47 -22.36
C ARG C 264 6.72 -11.16 -22.47
N THR C 265 6.79 -10.29 -21.46
CA THR C 265 6.03 -9.06 -21.52
C THR C 265 6.87 -7.79 -21.58
N GLY C 266 8.14 -7.89 -21.20
CA GLY C 266 8.98 -6.71 -21.22
C GLY C 266 8.48 -5.67 -20.24
N ARG C 267 7.59 -6.08 -19.34
CA ARG C 267 7.01 -5.16 -18.35
C ARG C 267 7.27 -5.62 -16.91
N LEU C 268 7.11 -4.71 -15.95
CA LEU C 268 7.29 -5.02 -14.54
C LEU C 268 5.98 -5.53 -13.98
N HIS C 269 6.02 -6.65 -13.28
CA HIS C 269 4.81 -7.22 -12.72
C HIS C 269 4.74 -7.30 -11.22
N THR C 270 4.19 -6.25 -10.63
CA THR C 270 4.01 -6.19 -9.19
C THR C 270 2.91 -7.16 -8.79
N ARG C 271 2.84 -7.44 -7.50
CA ARG C 271 1.81 -8.31 -6.96
C ARG C 271 0.99 -7.41 -6.06
N PHE C 272 -0.33 -7.59 -6.09
CA PHE C 272 -1.18 -6.80 -5.24
C PHE C 272 -1.86 -7.64 -4.18
N ASN C 273 -1.26 -7.63 -2.99
CA ASN C 273 -1.69 -8.38 -1.83
C ASN C 273 -2.97 -7.85 -1.27
N GLN C 274 -4.01 -8.68 -1.34
CA GLN C 274 -5.33 -8.29 -0.87
C GLN C 274 -5.63 -8.55 0.61
N THR C 275 -4.88 -9.44 1.26
CA THR C 275 -5.10 -9.71 2.68
C THR C 275 -3.80 -9.56 3.47
N ALA C 276 -3.22 -8.37 3.44
CA ALA C 276 -1.96 -8.13 4.13
C ALA C 276 -1.94 -6.93 5.07
N THR C 277 -3.06 -6.22 5.19
CA THR C 277 -3.12 -5.03 6.02
C THR C 277 -4.21 -5.05 7.08
N ALA C 278 -3.89 -4.48 8.24
CA ALA C 278 -4.84 -4.42 9.36
C ALA C 278 -5.98 -3.41 9.15
N THR C 279 -5.81 -2.49 8.21
CA THR C 279 -6.83 -1.47 7.98
C THR C 279 -7.67 -1.68 6.72
N GLY C 280 -7.23 -2.60 5.86
CA GLY C 280 -7.99 -2.83 4.65
C GLY C 280 -7.30 -2.33 3.39
N ARG C 281 -6.10 -1.76 3.51
CA ARG C 281 -5.40 -1.30 2.33
C ARG C 281 -4.78 -2.52 1.65
N LEU C 282 -4.32 -2.33 0.43
CA LEU C 282 -3.65 -3.41 -0.27
C LEU C 282 -2.17 -3.15 -0.01
N SER C 283 -1.34 -4.11 -0.37
CA SER C 283 0.09 -3.89 -0.22
C SER C 283 0.62 -4.38 -1.54
N SER C 284 1.76 -3.86 -1.94
CA SER C 284 2.37 -4.23 -3.19
C SER C 284 3.66 -4.99 -2.85
N SER C 285 3.72 -6.26 -3.24
CA SER C 285 4.84 -7.12 -2.91
C SER C 285 5.77 -7.46 -4.05
N ASP C 286 6.92 -8.00 -3.66
CA ASP C 286 7.94 -8.37 -4.61
C ASP C 286 8.03 -7.03 -5.26
N PRO C 287 8.03 -6.94 -6.60
CA PRO C 287 8.13 -5.53 -6.95
C PRO C 287 7.05 -4.73 -6.21
N ASN C 288 7.46 -3.96 -5.21
CA ASN C 288 6.50 -3.13 -4.49
C ASN C 288 6.56 -1.83 -5.27
N LEU C 289 5.48 -1.54 -5.98
CA LEU C 289 5.43 -0.33 -6.76
C LEU C 289 4.57 0.72 -6.09
N GLN C 290 4.32 0.53 -4.80
CA GLN C 290 3.53 1.48 -4.03
C GLN C 290 4.43 2.46 -3.28
N ASN C 291 5.75 2.24 -3.34
CA ASN C 291 6.66 3.17 -2.68
C ASN C 291 7.71 3.65 -3.67
N ILE C 292 7.32 3.87 -4.92
CA ILE C 292 8.24 4.38 -5.92
C ILE C 292 8.55 5.83 -5.52
N PRO C 293 9.82 6.26 -5.61
CA PRO C 293 10.22 7.62 -5.25
C PRO C 293 9.45 8.76 -5.93
N VAL C 294 9.38 9.91 -5.24
CA VAL C 294 8.70 11.07 -5.78
C VAL C 294 9.07 12.38 -5.10
N ARG C 295 9.67 12.30 -3.90
CA ARG C 295 10.07 13.47 -3.12
C ARG C 295 11.32 14.25 -3.58
N THR C 296 12.41 13.54 -3.86
CA THR C 296 13.65 14.17 -4.26
C THR C 296 13.88 14.19 -5.76
N PRO C 297 14.84 15.01 -6.23
CA PRO C 297 15.16 15.10 -7.66
C PRO C 297 15.57 13.76 -8.24
N LEU C 298 16.32 12.97 -7.47
CA LEU C 298 16.73 11.67 -7.99
C LEU C 298 15.53 10.73 -7.94
N GLY C 299 14.64 10.99 -6.99
CA GLY C 299 13.44 10.17 -6.86
C GLY C 299 12.56 10.39 -8.07
N GLN C 300 12.45 11.65 -8.49
CA GLN C 300 11.66 12.01 -9.66
C GLN C 300 12.24 11.44 -10.94
N ARG C 301 13.57 11.46 -11.05
CA ARG C 301 14.24 10.93 -12.22
C ARG C 301 13.93 9.46 -12.34
N ILE C 302 13.73 8.80 -11.21
CA ILE C 302 13.41 7.37 -11.18
C ILE C 302 11.95 7.13 -11.54
N ARG C 303 11.06 7.97 -11.03
CA ARG C 303 9.65 7.82 -11.35
C ARG C 303 9.46 7.98 -12.85
N ARG C 304 10.26 8.85 -13.46
CA ARG C 304 10.18 9.08 -14.89
C ARG C 304 10.41 7.80 -15.70
N ALA C 305 10.95 6.77 -15.05
CA ALA C 305 11.22 5.49 -15.73
C ALA C 305 9.96 4.67 -16.05
N PHE C 306 8.86 4.96 -15.35
CA PHE C 306 7.62 4.24 -15.58
C PHE C 306 6.90 4.92 -16.72
N ILE C 307 6.86 4.23 -17.85
CA ILE C 307 6.30 4.74 -19.08
C ILE C 307 5.21 3.91 -19.74
N ALA C 308 4.36 4.59 -20.52
CA ALA C 308 3.29 3.93 -21.26
C ALA C 308 3.89 3.20 -22.47
N GLU C 309 3.14 2.27 -23.05
CA GLU C 309 3.57 1.51 -24.22
C GLU C 309 3.55 2.49 -25.40
N GLU C 310 4.29 2.19 -26.47
CA GLU C 310 4.27 3.10 -27.62
C GLU C 310 2.82 3.30 -28.06
N GLY C 311 2.45 4.55 -28.33
CA GLY C 311 1.09 4.81 -28.76
C GLY C 311 0.08 4.87 -27.63
N TRP C 312 0.58 4.90 -26.41
CA TRP C 312 -0.31 4.97 -25.26
C TRP C 312 0.10 6.09 -24.34
N LEU C 313 -0.70 6.29 -23.30
CA LEU C 313 -0.44 7.32 -22.32
C LEU C 313 -0.85 6.80 -20.95
N LEU C 314 -0.14 7.24 -19.92
CA LEU C 314 -0.48 6.85 -18.58
C LEU C 314 -1.46 7.89 -18.07
N VAL C 315 -2.44 7.45 -17.29
CA VAL C 315 -3.40 8.36 -16.71
C VAL C 315 -3.33 8.11 -15.21
N ALA C 316 -2.92 9.13 -14.46
CA ALA C 316 -2.80 9.02 -13.01
C ALA C 316 -3.94 9.77 -12.33
N LEU C 317 -4.67 9.08 -11.46
CA LEU C 317 -5.81 9.66 -10.76
C LEU C 317 -5.55 9.52 -9.26
N ASP C 318 -5.75 10.62 -8.53
CA ASP C 318 -5.49 10.63 -7.10
C ASP C 318 -6.47 11.50 -6.32
N TYR C 319 -7.12 10.89 -5.32
CA TYR C 319 -8.09 11.60 -4.48
C TYR C 319 -7.46 12.75 -3.70
N SER C 320 -8.09 13.93 -3.80
CA SER C 320 -7.58 15.10 -3.10
C SER C 320 -7.86 15.01 -1.61
N GLN C 321 -6.82 15.26 -0.80
CA GLN C 321 -6.96 15.25 0.66
C GLN C 321 -7.88 14.14 1.11
N ILE C 322 -7.70 12.97 0.51
CA ILE C 322 -8.58 11.86 0.79
C ILE C 322 -8.98 11.58 2.25
N GLU C 323 -8.03 11.25 3.11
CA GLU C 323 -8.40 10.94 4.49
C GLU C 323 -8.99 12.07 5.33
N LEU C 324 -8.87 13.32 4.85
CA LEU C 324 -9.47 14.44 5.57
C LEU C 324 -10.94 14.52 5.19
N ARG C 325 -11.25 14.17 3.95
CA ARG C 325 -12.61 14.17 3.47
C ARG C 325 -13.33 13.03 4.19
N VAL C 326 -12.64 11.90 4.33
CA VAL C 326 -13.21 10.74 5.02
C VAL C 326 -13.49 11.11 6.47
N LEU C 327 -12.55 11.82 7.07
CA LEU C 327 -12.68 12.24 8.46
C LEU C 327 -13.90 13.14 8.70
N ALA C 328 -14.16 14.05 7.76
CA ALA C 328 -15.30 14.95 7.87
C ALA C 328 -16.60 14.16 7.88
N HIS C 329 -16.64 13.12 7.05
CA HIS C 329 -17.80 12.28 6.95
C HIS C 329 -17.95 11.37 8.18
N LEU C 330 -16.83 10.86 8.71
CA LEU C 330 -16.88 10.00 9.90
C LEU C 330 -17.17 10.80 11.17
N SER C 331 -16.53 11.95 11.30
CA SER C 331 -16.70 12.79 12.46
C SER C 331 -17.95 13.64 12.35
N GLY C 332 -18.31 13.98 11.12
CA GLY C 332 -19.48 14.81 10.91
C GLY C 332 -19.23 16.24 11.37
N ASP C 333 -17.96 16.61 11.48
CA ASP C 333 -17.59 17.96 11.93
C ASP C 333 -18.07 19.04 10.98
N GLU C 334 -18.71 20.06 11.55
CA GLU C 334 -19.26 21.19 10.79
C GLU C 334 -18.22 21.92 9.95
N ASN C 335 -17.30 22.58 10.67
CA ASN C 335 -16.24 23.37 10.05
C ASN C 335 -15.40 22.61 9.04
N LEU C 336 -15.20 21.32 9.28
CA LEU C 336 -14.39 20.51 8.38
C LEU C 336 -15.12 20.15 7.07
N ILE C 337 -16.40 19.78 7.16
CA ILE C 337 -17.15 19.44 5.96
C ILE C 337 -17.31 20.70 5.12
N ARG C 338 -17.39 21.84 5.80
CA ARG C 338 -17.53 23.13 5.14
C ARG C 338 -16.22 23.51 4.45
N VAL C 339 -15.10 23.11 5.04
CA VAL C 339 -13.78 23.39 4.48
C VAL C 339 -13.80 22.92 3.03
N PHE C 340 -14.31 21.72 2.84
CA PHE C 340 -14.39 21.12 1.52
C PHE C 340 -15.51 21.70 0.68
N GLN C 341 -16.64 22.06 1.31
CA GLN C 341 -17.73 22.67 0.56
C GLN C 341 -17.21 23.99 0.01
N GLU C 342 -16.24 24.58 0.72
CA GLU C 342 -15.66 25.87 0.31
C GLU C 342 -14.47 25.72 -0.62
N GLY C 343 -14.14 24.50 -0.99
CA GLY C 343 -13.01 24.28 -1.88
C GLY C 343 -11.63 24.53 -1.31
N ARG C 344 -11.51 24.58 0.02
CA ARG C 344 -10.20 24.80 0.62
C ARG C 344 -9.34 23.55 0.57
N ASP C 345 -8.04 23.74 0.84
CA ASP C 345 -7.08 22.66 0.84
C ASP C 345 -6.21 22.80 2.09
N ILE C 346 -6.45 21.92 3.06
CA ILE C 346 -5.71 21.92 4.33
C ILE C 346 -4.20 21.78 4.15
N HIS C 347 -3.77 20.96 3.19
CA HIS C 347 -2.35 20.79 2.97
C HIS C 347 -1.72 22.09 2.55
N THR C 348 -2.37 22.79 1.63
CA THR C 348 -1.86 24.07 1.16
C THR C 348 -1.90 25.11 2.27
N GLU C 349 -2.94 25.09 3.09
CA GLU C 349 -3.07 26.05 4.17
C GLU C 349 -1.99 25.83 5.24
N THR C 350 -1.67 24.58 5.52
CA THR C 350 -0.64 24.27 6.50
C THR C 350 0.75 24.63 5.93
N ALA C 351 0.94 24.38 4.65
CA ALA C 351 2.21 24.69 3.98
C ALA C 351 2.46 26.19 3.95
N SER C 352 1.40 26.96 3.77
CA SER C 352 1.53 28.41 3.75
C SER C 352 2.06 28.84 5.10
N TRP C 353 1.47 28.26 6.14
CA TRP C 353 1.84 28.54 7.53
C TRP C 353 3.27 28.12 7.85
N MET C 354 3.64 26.91 7.42
CA MET C 354 4.97 26.37 7.68
C MET C 354 6.11 27.16 7.08
N PHE C 355 5.97 27.57 5.83
CA PHE C 355 7.03 28.31 5.16
C PHE C 355 6.78 29.81 5.09
N GLY C 356 5.91 30.32 5.95
CA GLY C 356 5.63 31.75 5.94
C GLY C 356 5.53 32.38 4.57
N VAL C 357 4.76 31.75 3.68
CA VAL C 357 4.56 32.26 2.33
C VAL C 357 3.05 32.25 2.08
N PRO C 358 2.57 33.10 1.15
CA PRO C 358 1.14 33.15 0.84
C PRO C 358 0.69 31.86 0.16
N ARG C 359 -0.56 31.44 0.44
CA ARG C 359 -1.06 30.19 -0.13
C ARG C 359 -0.68 29.98 -1.60
N GLU C 360 -0.89 30.99 -2.44
CA GLU C 360 -0.58 30.89 -3.87
C GLU C 360 0.91 30.77 -4.21
N ALA C 361 1.76 30.70 -3.18
CA ALA C 361 3.22 30.57 -3.36
C ALA C 361 3.74 29.18 -3.01
N VAL C 362 2.86 28.36 -2.44
CA VAL C 362 3.19 26.99 -2.04
C VAL C 362 3.47 26.08 -3.23
N ASP C 363 4.67 25.51 -3.31
CA ASP C 363 4.96 24.60 -4.40
C ASP C 363 4.61 23.20 -3.91
N PRO C 364 4.54 22.23 -4.83
CA PRO C 364 4.19 20.85 -4.45
C PRO C 364 5.11 20.24 -3.40
N LEU C 365 6.36 20.65 -3.37
CA LEU C 365 7.30 20.09 -2.43
C LEU C 365 7.15 20.68 -1.03
N MET C 366 6.34 21.74 -0.94
CA MET C 366 6.05 22.38 0.35
C MET C 366 4.75 21.76 0.85
N ARG C 367 3.81 21.58 -0.08
CA ARG C 367 2.53 20.99 0.23
C ARG C 367 2.75 19.58 0.75
N ARG C 368 3.62 18.81 0.08
CA ARG C 368 3.91 17.46 0.54
C ARG C 368 4.31 17.46 2.00
N ALA C 369 5.30 18.30 2.32
CA ALA C 369 5.79 18.42 3.69
C ALA C 369 4.63 18.70 4.63
N ALA C 370 3.70 19.54 4.18
CA ALA C 370 2.53 19.88 4.97
C ALA C 370 1.69 18.63 5.28
N LYS C 371 1.55 17.75 4.29
CA LYS C 371 0.75 16.55 4.49
C LYS C 371 1.21 15.70 5.65
N THR C 372 2.50 15.40 5.73
CA THR C 372 2.96 14.60 6.85
C THR C 372 2.67 15.33 8.17
N ILE C 373 2.62 16.65 8.13
CA ILE C 373 2.32 17.44 9.32
C ILE C 373 0.85 17.30 9.72
N ASN C 374 -0.04 17.46 8.73
CA ASN C 374 -1.46 17.34 9.02
C ASN C 374 -1.88 15.94 9.49
N PHE C 375 -1.49 14.92 8.73
CA PHE C 375 -1.82 13.54 9.09
C PHE C 375 -1.05 13.10 10.32
N GLY C 376 0.19 13.57 10.45
CA GLY C 376 0.98 13.20 11.59
C GLY C 376 0.26 13.69 12.84
N VAL C 377 -0.09 14.97 12.84
CA VAL C 377 -0.78 15.58 13.96
C VAL C 377 -2.16 15.00 14.19
N LEU C 378 -2.89 14.73 13.11
CA LEU C 378 -4.23 14.17 13.25
C LEU C 378 -4.17 12.81 13.94
N TYR C 379 -3.24 11.98 13.48
CA TYR C 379 -3.12 10.66 14.04
C TYR C 379 -2.33 10.50 15.34
N GLY C 380 -1.96 11.62 15.96
CA GLY C 380 -1.28 11.54 17.24
C GLY C 380 0.12 12.04 17.48
N MET C 381 0.76 12.69 16.51
CA MET C 381 2.11 13.18 16.73
C MET C 381 2.18 14.08 17.97
N SER C 382 3.30 14.02 18.69
CA SER C 382 3.45 14.83 19.88
C SER C 382 4.09 16.18 19.56
N ALA C 383 3.81 17.17 20.41
CA ALA C 383 4.37 18.51 20.24
C ALA C 383 5.88 18.37 20.15
N HIS C 384 6.43 17.54 21.04
CA HIS C 384 7.86 17.30 21.07
C HIS C 384 8.38 16.99 19.68
N ARG C 385 7.85 15.93 19.07
CA ARG C 385 8.28 15.55 17.74
C ARG C 385 7.91 16.62 16.71
N LEU C 386 6.80 17.31 16.96
CA LEU C 386 6.36 18.35 16.04
C LEU C 386 7.40 19.48 16.04
N SER C 387 7.72 19.95 17.25
CA SER C 387 8.69 21.04 17.41
C SER C 387 10.00 20.63 16.76
N GLN C 388 10.48 19.44 17.11
CA GLN C 388 11.71 18.94 16.54
C GLN C 388 11.55 18.91 15.03
N GLU C 389 10.46 18.29 14.59
CA GLU C 389 10.14 18.15 13.17
C GLU C 389 10.20 19.46 12.38
N LEU C 390 9.39 20.44 12.77
CA LEU C 390 9.36 21.71 12.06
C LEU C 390 10.52 22.62 12.48
N ALA C 391 11.29 22.15 13.45
CA ALA C 391 12.43 22.91 13.94
C ALA C 391 11.98 24.18 14.67
N ILE C 392 10.80 24.13 15.28
CA ILE C 392 10.29 25.29 16.02
C ILE C 392 10.26 25.03 17.53
N PRO C 393 9.98 26.08 18.32
CA PRO C 393 9.94 25.88 19.76
C PRO C 393 8.87 24.85 20.11
N TYR C 394 8.98 24.25 21.28
CA TYR C 394 8.02 23.25 21.74
C TYR C 394 6.64 23.90 21.84
N GLU C 395 6.62 25.14 22.35
CA GLU C 395 5.38 25.87 22.55
C GLU C 395 4.56 26.08 21.28
N GLU C 396 5.16 26.70 20.25
CA GLU C 396 4.46 26.96 18.99
C GLU C 396 3.99 25.68 18.29
N ALA C 397 4.64 24.55 18.59
CA ALA C 397 4.25 23.27 18.01
C ALA C 397 3.03 22.82 18.80
N GLN C 398 3.04 23.16 20.08
CA GLN C 398 1.96 22.80 20.99
C GLN C 398 0.74 23.66 20.63
N ALA C 399 1.00 24.88 20.16
CA ALA C 399 -0.07 25.78 19.75
C ALA C 399 -0.70 25.32 18.43
N PHE C 400 0.14 24.88 17.51
CA PHE C 400 -0.32 24.39 16.21
C PHE C 400 -1.32 23.25 16.39
N ILE C 401 -0.98 22.32 17.28
CA ILE C 401 -1.84 21.19 17.56
C ILE C 401 -3.11 21.63 18.27
N GLU C 402 -2.98 22.58 19.20
CA GLU C 402 -4.14 23.08 19.94
C GLU C 402 -5.20 23.65 19.01
N ARG C 403 -4.79 24.51 18.08
CA ARG C 403 -5.70 25.14 17.13
C ARG C 403 -6.23 24.13 16.12
N TYR C 404 -5.34 23.26 15.63
CA TYR C 404 -5.71 22.24 14.66
C TYR C 404 -6.98 21.53 15.11
N PHE C 405 -6.96 20.87 16.27
CA PHE C 405 -8.17 20.19 16.71
C PHE C 405 -9.27 21.13 17.18
N GLN C 406 -8.88 22.29 17.68
CA GLN C 406 -9.87 23.27 18.15
C GLN C 406 -10.67 23.75 16.93
N SER C 407 -10.01 23.84 15.78
CA SER C 407 -10.63 24.27 14.53
C SER C 407 -11.66 23.26 14.03
N PHE C 408 -11.43 21.99 14.35
CA PHE C 408 -12.31 20.89 13.96
C PHE C 408 -12.79 20.21 15.24
N PRO C 409 -13.61 20.92 16.02
CA PRO C 409 -14.19 20.47 17.29
C PRO C 409 -14.77 19.07 17.36
N LYS C 410 -15.36 18.61 16.26
CA LYS C 410 -15.96 17.27 16.22
C LYS C 410 -14.99 16.11 16.07
N VAL C 411 -13.79 16.37 15.55
CA VAL C 411 -12.80 15.33 15.35
C VAL C 411 -12.43 14.60 16.64
N ARG C 412 -12.02 15.36 17.65
CA ARG C 412 -11.64 14.78 18.94
C ARG C 412 -12.80 14.02 19.56
N ALA C 413 -14.02 14.54 19.40
CA ALA C 413 -15.21 13.88 19.92
C ALA C 413 -15.37 12.52 19.24
N TRP C 414 -15.29 12.51 17.92
CA TRP C 414 -15.41 11.26 17.15
C TRP C 414 -14.33 10.26 17.57
N ILE C 415 -13.12 10.74 17.75
CA ILE C 415 -12.04 9.86 18.16
C ILE C 415 -12.41 9.16 19.46
N GLU C 416 -12.85 9.93 20.46
CA GLU C 416 -13.23 9.37 21.75
C GLU C 416 -14.29 8.28 21.64
N LYS C 417 -15.35 8.56 20.88
CA LYS C 417 -16.43 7.59 20.73
C LYS C 417 -15.90 6.36 19.99
N THR C 418 -14.98 6.58 19.05
CA THR C 418 -14.44 5.47 18.30
C THR C 418 -13.72 4.60 19.31
N LEU C 419 -12.97 5.23 20.19
CA LEU C 419 -12.22 4.52 21.21
C LEU C 419 -13.12 3.87 22.28
N GLU C 420 -14.18 4.58 22.66
CA GLU C 420 -15.09 4.06 23.67
C GLU C 420 -15.63 2.71 23.19
N GLU C 421 -16.32 2.71 22.05
CA GLU C 421 -16.90 1.49 21.53
C GLU C 421 -15.86 0.48 21.08
N GLY C 422 -14.64 0.95 20.82
CA GLY C 422 -13.58 0.04 20.45
C GLY C 422 -13.23 -0.78 21.68
N ARG C 423 -13.32 -0.13 22.84
CA ARG C 423 -13.02 -0.77 24.12
C ARG C 423 -14.06 -1.83 24.46
N ARG C 424 -15.33 -1.42 24.45
CA ARG C 424 -16.44 -2.33 24.76
C ARG C 424 -16.59 -3.45 23.74
N ARG C 425 -16.52 -3.11 22.46
CA ARG C 425 -16.70 -4.08 21.40
C ARG C 425 -15.43 -4.84 21.04
N GLY C 426 -14.28 -4.30 21.45
CA GLY C 426 -13.02 -4.98 21.18
C GLY C 426 -12.48 -4.78 19.79
N TYR C 427 -13.12 -3.92 19.01
CA TYR C 427 -12.67 -3.65 17.65
C TYR C 427 -13.33 -2.37 17.15
N VAL C 428 -12.73 -1.80 16.12
CA VAL C 428 -13.25 -0.59 15.49
C VAL C 428 -13.56 -0.99 14.08
N GLU C 429 -14.39 -0.21 13.39
CA GLU C 429 -14.76 -0.55 12.03
C GLU C 429 -14.82 0.67 11.13
N THR C 430 -14.87 0.41 9.83
CA THR C 430 -14.95 1.48 8.84
C THR C 430 -16.41 1.80 8.52
N LEU C 431 -16.60 2.78 7.64
CA LEU C 431 -17.91 3.21 7.20
C LEU C 431 -18.68 2.00 6.68
N PHE C 432 -18.01 1.20 5.86
CA PHE C 432 -18.62 0.02 5.28
C PHE C 432 -18.65 -1.15 6.26
N GLY C 433 -18.08 -0.94 7.44
CA GLY C 433 -18.08 -2.00 8.43
C GLY C 433 -16.90 -2.94 8.42
N ARG C 434 -15.75 -2.47 7.94
CA ARG C 434 -14.55 -3.32 7.92
C ARG C 434 -14.08 -3.29 9.36
N ARG C 435 -13.78 -4.45 9.92
CA ARG C 435 -13.33 -4.53 11.32
C ARG C 435 -11.84 -4.79 11.50
N ARG C 436 -11.32 -4.25 12.60
CA ARG C 436 -9.93 -4.45 13.01
C ARG C 436 -9.99 -4.62 14.52
N TYR C 437 -9.53 -5.76 15.01
CA TYR C 437 -9.55 -5.98 16.43
C TYR C 437 -8.37 -5.34 17.12
N VAL C 438 -8.66 -4.53 18.12
CA VAL C 438 -7.61 -3.87 18.88
C VAL C 438 -7.79 -4.17 20.37
N PRO C 439 -7.46 -5.40 20.79
CA PRO C 439 -7.60 -5.83 22.18
C PRO C 439 -6.84 -4.93 23.15
N ASP C 440 -5.66 -4.48 22.75
CA ASP C 440 -4.87 -3.61 23.60
C ASP C 440 -5.50 -2.28 23.94
N LEU C 441 -6.77 -2.09 23.59
CA LEU C 441 -7.41 -0.83 23.94
C LEU C 441 -7.65 -0.80 25.45
N GLU C 442 -7.43 -1.94 26.10
CA GLU C 442 -7.61 -2.03 27.54
C GLU C 442 -6.37 -2.57 28.25
N ALA C 443 -5.21 -2.36 27.64
CA ALA C 443 -3.97 -2.80 28.26
C ALA C 443 -3.85 -1.92 29.49
N ARG C 444 -3.19 -2.42 30.54
CA ARG C 444 -3.03 -1.66 31.77
C ARG C 444 -1.75 -0.83 31.76
N VAL C 445 -0.97 -0.94 30.68
CA VAL C 445 0.28 -0.20 30.54
C VAL C 445 0.02 0.98 29.60
N LYS C 446 0.00 2.20 30.16
CA LYS C 446 -0.27 3.40 29.37
C LYS C 446 0.40 3.33 28.00
N SER C 447 1.70 3.04 28.01
CA SER C 447 2.46 2.93 26.78
C SER C 447 1.70 2.11 25.74
N VAL C 448 1.46 0.84 26.06
CA VAL C 448 0.75 -0.08 25.16
C VAL C 448 -0.66 0.41 24.79
N ARG C 449 -1.44 0.78 25.80
CA ARG C 449 -2.80 1.25 25.58
C ARG C 449 -2.90 2.42 24.59
N GLU C 450 -2.18 3.50 24.87
CA GLU C 450 -2.23 4.66 23.99
C GLU C 450 -1.74 4.35 22.58
N ALA C 451 -0.81 3.41 22.46
CA ALA C 451 -0.30 3.02 21.15
C ALA C 451 -1.42 2.27 20.44
N ALA C 452 -2.17 1.49 21.21
CA ALA C 452 -3.28 0.75 20.65
C ALA C 452 -4.29 1.78 20.12
N GLU C 453 -4.66 2.72 20.97
CA GLU C 453 -5.62 3.75 20.61
C GLU C 453 -5.30 4.49 19.31
N ARG C 454 -4.03 4.83 19.08
CA ARG C 454 -3.66 5.53 17.86
C ARG C 454 -3.89 4.60 16.66
N MET C 455 -3.64 3.31 16.84
CA MET C 455 -3.83 2.33 15.79
C MET C 455 -5.33 2.19 15.53
N ALA C 456 -6.09 2.22 16.62
CA ALA C 456 -7.54 2.07 16.58
C ALA C 456 -8.33 3.18 15.90
N PHE C 457 -8.02 4.44 16.16
CA PHE C 457 -8.83 5.49 15.56
C PHE C 457 -8.36 5.90 14.17
N ASN C 458 -7.22 5.35 13.77
CA ASN C 458 -6.68 5.62 12.45
C ASN C 458 -7.35 4.65 11.48
N MET C 459 -7.65 3.45 11.96
CA MET C 459 -8.26 2.41 11.13
C MET C 459 -9.55 2.77 10.37
N PRO C 460 -10.53 3.37 11.06
CA PRO C 460 -11.77 3.73 10.34
C PRO C 460 -11.49 4.74 9.22
N VAL C 461 -10.66 5.73 9.51
CA VAL C 461 -10.30 6.75 8.54
C VAL C 461 -9.51 6.12 7.39
N GLN C 462 -8.36 5.53 7.70
CA GLN C 462 -7.54 4.92 6.67
C GLN C 462 -8.30 3.79 5.97
N GLY C 463 -8.98 2.97 6.74
CA GLY C 463 -9.72 1.85 6.17
C GLY C 463 -10.92 2.23 5.31
N THR C 464 -11.52 3.39 5.59
CA THR C 464 -12.69 3.84 4.84
C THR C 464 -12.26 4.35 3.48
N ALA C 465 -11.11 5.01 3.42
CA ALA C 465 -10.59 5.51 2.17
C ALA C 465 -10.16 4.31 1.33
N ALA C 466 -9.87 3.21 2.00
CA ALA C 466 -9.45 1.98 1.32
C ALA C 466 -10.65 1.30 0.68
N ASP C 467 -11.73 1.15 1.45
CA ASP C 467 -12.95 0.54 0.94
C ASP C 467 -13.35 1.36 -0.29
N LEU C 468 -13.26 2.67 -0.14
CA LEU C 468 -13.60 3.62 -1.19
C LEU C 468 -12.80 3.37 -2.47
N MET C 469 -11.48 3.29 -2.33
CA MET C 469 -10.62 3.06 -3.49
C MET C 469 -10.94 1.70 -4.13
N LYS C 470 -11.08 0.67 -3.30
CA LYS C 470 -11.38 -0.68 -3.83
C LYS C 470 -12.71 -0.68 -4.56
N LEU C 471 -13.70 0.01 -4.00
CA LEU C 471 -15.02 0.06 -4.62
C LEU C 471 -14.92 0.70 -6.00
N ALA C 472 -14.21 1.84 -6.05
CA ALA C 472 -14.03 2.58 -7.29
C ALA C 472 -13.33 1.74 -8.34
N MET C 473 -12.42 0.87 -7.89
CA MET C 473 -11.68 -0.01 -8.78
C MET C 473 -12.62 -1.08 -9.32
N VAL C 474 -13.53 -1.53 -8.48
CA VAL C 474 -14.48 -2.54 -8.89
C VAL C 474 -15.50 -1.94 -9.86
N LYS C 475 -15.80 -0.65 -9.71
CA LYS C 475 -16.75 0.01 -10.59
C LYS C 475 -16.05 0.46 -11.89
N LEU C 476 -14.86 1.01 -11.74
CA LEU C 476 -14.10 1.50 -12.88
C LEU C 476 -13.58 0.47 -13.85
N PHE C 477 -13.05 -0.65 -13.33
CA PHE C 477 -12.48 -1.69 -14.19
C PHE C 477 -13.28 -2.08 -15.44
N PRO C 478 -14.53 -2.56 -15.28
CA PRO C 478 -15.32 -2.95 -16.46
C PRO C 478 -15.38 -1.85 -17.53
N ARG C 479 -15.66 -0.63 -17.10
CA ARG C 479 -15.75 0.51 -18.00
C ARG C 479 -14.48 0.68 -18.85
N LEU C 480 -13.32 0.43 -18.25
CA LEU C 480 -12.04 0.55 -18.96
C LEU C 480 -11.86 -0.52 -20.01
N GLU C 481 -12.28 -1.75 -19.69
CA GLU C 481 -12.14 -2.85 -20.64
C GLU C 481 -12.90 -2.57 -21.93
N GLU C 482 -14.19 -2.25 -21.79
CA GLU C 482 -15.06 -1.93 -22.92
C GLU C 482 -14.52 -0.76 -23.71
N MET C 483 -13.61 -0.01 -23.08
CA MET C 483 -13.03 1.18 -23.66
C MET C 483 -11.59 0.94 -24.12
N GLY C 484 -11.13 -0.31 -23.99
CA GLY C 484 -9.79 -0.68 -24.38
C GLY C 484 -8.67 -0.02 -23.59
N ALA C 485 -8.94 0.30 -22.33
CA ALA C 485 -7.95 0.93 -21.45
C ALA C 485 -7.52 -0.06 -20.38
N ARG C 486 -6.38 0.20 -19.75
CA ARG C 486 -5.83 -0.70 -18.72
C ARG C 486 -5.66 -0.05 -17.36
N MET C 487 -5.87 -0.83 -16.31
CA MET C 487 -5.65 -0.34 -14.96
C MET C 487 -4.34 -1.04 -14.61
N LEU C 488 -3.31 -0.27 -14.33
CA LEU C 488 -1.99 -0.84 -14.03
C LEU C 488 -1.62 -0.88 -12.55
N LEU C 489 -1.70 0.27 -11.89
CA LEU C 489 -1.31 0.35 -10.49
C LEU C 489 -2.30 1.06 -9.61
N GLN C 490 -2.27 0.68 -8.33
CA GLN C 490 -3.11 1.30 -7.33
C GLN C 490 -2.14 1.69 -6.22
N VAL C 491 -2.21 2.94 -5.76
CA VAL C 491 -1.31 3.36 -4.70
C VAL C 491 -2.13 3.96 -3.56
N HIS C 492 -3.00 3.12 -2.98
CA HIS C 492 -3.85 3.50 -1.85
C HIS C 492 -4.98 4.48 -2.09
N ASP C 493 -4.72 5.55 -2.83
CA ASP C 493 -5.78 6.51 -3.13
C ASP C 493 -5.49 7.08 -4.51
N GLU C 494 -4.60 6.36 -5.21
CA GLU C 494 -4.20 6.72 -6.56
C GLU C 494 -4.34 5.53 -7.50
N LEU C 495 -4.56 5.82 -8.77
CA LEU C 495 -4.62 4.74 -9.75
C LEU C 495 -3.84 5.18 -10.97
N VAL C 496 -3.04 4.26 -11.49
CA VAL C 496 -2.26 4.54 -12.67
C VAL C 496 -2.89 3.70 -13.78
N LEU C 497 -3.31 4.37 -14.85
CA LEU C 497 -3.92 3.66 -15.96
C LEU C 497 -3.09 3.86 -17.22
N GLU C 498 -3.37 3.03 -18.21
CA GLU C 498 -2.68 3.10 -19.48
C GLU C 498 -3.76 3.06 -20.54
N ALA C 499 -3.95 4.18 -21.22
CA ALA C 499 -4.98 4.27 -22.24
C ALA C 499 -4.44 4.63 -23.62
N PRO C 500 -5.07 4.12 -24.69
CA PRO C 500 -4.62 4.41 -26.05
C PRO C 500 -4.64 5.93 -26.23
N LYS C 501 -3.62 6.48 -26.85
CA LYS C 501 -3.56 7.93 -27.04
C LYS C 501 -4.85 8.53 -27.58
N GLU C 502 -5.49 7.84 -28.52
CA GLU C 502 -6.74 8.32 -29.09
C GLU C 502 -7.83 8.43 -28.03
N ARG C 503 -7.73 7.59 -27.00
CA ARG C 503 -8.72 7.58 -25.93
C ARG C 503 -8.29 8.12 -24.56
N ALA C 504 -6.99 8.38 -24.39
CA ALA C 504 -6.49 8.86 -23.11
C ALA C 504 -7.38 9.91 -22.45
N GLU C 505 -7.77 10.92 -23.21
CA GLU C 505 -8.64 11.98 -22.67
C GLU C 505 -9.93 11.39 -22.12
N ALA C 506 -10.64 10.65 -22.96
CA ALA C 506 -11.93 10.05 -22.61
C ALA C 506 -11.84 9.09 -21.44
N VAL C 507 -10.69 8.44 -21.28
CA VAL C 507 -10.52 7.52 -20.17
C VAL C 507 -10.31 8.33 -18.87
N ALA C 508 -9.49 9.36 -18.94
CA ALA C 508 -9.21 10.20 -17.78
C ALA C 508 -10.53 10.77 -17.27
N ARG C 509 -11.32 11.29 -18.19
CA ARG C 509 -12.60 11.89 -17.87
C ARG C 509 -13.51 10.88 -17.16
N LEU C 510 -13.64 9.69 -17.73
CA LEU C 510 -14.49 8.65 -17.14
C LEU C 510 -14.04 8.16 -15.75
N ALA C 511 -12.75 7.87 -15.61
CA ALA C 511 -12.19 7.38 -14.35
C ALA C 511 -12.35 8.40 -13.23
N LYS C 512 -11.99 9.64 -13.50
CA LYS C 512 -12.12 10.69 -12.51
C LYS C 512 -13.55 10.73 -12.00
N GLU C 513 -14.50 10.48 -12.89
CA GLU C 513 -15.91 10.52 -12.54
C GLU C 513 -16.29 9.35 -11.66
N VAL C 514 -15.98 8.14 -12.13
CA VAL C 514 -16.29 6.95 -11.36
C VAL C 514 -15.75 7.09 -9.95
N MET C 515 -14.53 7.62 -9.84
CA MET C 515 -13.86 7.80 -8.57
C MET C 515 -14.48 8.83 -7.64
N GLU C 516 -14.87 9.99 -8.19
CA GLU C 516 -15.48 11.03 -7.35
C GLU C 516 -16.89 10.68 -6.89
N GLY C 517 -17.60 9.88 -7.69
CA GLY C 517 -18.95 9.48 -7.34
C GLY C 517 -19.08 8.07 -6.79
N VAL C 518 -17.95 7.43 -6.49
CA VAL C 518 -17.93 6.07 -5.95
C VAL C 518 -18.95 5.79 -4.85
N TYR C 519 -19.01 6.66 -3.85
CA TYR C 519 -19.92 6.51 -2.73
C TYR C 519 -20.07 7.91 -2.15
N PRO C 520 -21.14 8.63 -2.53
CA PRO C 520 -21.37 9.98 -2.03
C PRO C 520 -21.27 10.12 -0.51
N LEU C 521 -20.59 11.16 -0.07
CA LEU C 521 -20.40 11.40 1.36
C LEU C 521 -20.90 12.78 1.73
N ALA C 522 -20.70 13.18 2.99
CA ALA C 522 -21.14 14.49 3.43
C ALA C 522 -20.23 15.54 2.80
N VAL C 523 -19.25 15.06 2.04
CA VAL C 523 -18.32 15.94 1.37
C VAL C 523 -18.03 15.38 -0.02
N PRO C 524 -17.85 16.25 -1.02
CA PRO C 524 -17.55 15.75 -2.36
C PRO C 524 -16.16 15.11 -2.35
N LEU C 525 -15.92 14.15 -3.23
CA LEU C 525 -14.63 13.49 -3.32
C LEU C 525 -13.92 13.96 -4.59
N GLU C 526 -12.99 14.88 -4.44
CA GLU C 526 -12.27 15.38 -5.61
C GLU C 526 -11.11 14.50 -6.00
N VAL C 527 -10.89 14.39 -7.30
CA VAL C 527 -9.80 13.58 -7.84
C VAL C 527 -8.94 14.33 -8.86
N GLU C 528 -7.68 14.58 -8.53
CA GLU C 528 -6.78 15.27 -9.45
C GLU C 528 -6.36 14.22 -10.47
N VAL C 529 -6.48 14.57 -11.75
CA VAL C 529 -6.16 13.65 -12.85
C VAL C 529 -5.08 14.19 -13.77
N GLY C 530 -4.16 13.33 -14.18
CA GLY C 530 -3.09 13.75 -15.07
C GLY C 530 -2.81 12.77 -16.18
N ILE C 531 -2.35 13.27 -17.33
CA ILE C 531 -2.04 12.43 -18.47
C ILE C 531 -0.63 12.76 -18.95
N GLY C 532 0.15 11.73 -19.27
CA GLY C 532 1.52 11.94 -19.75
C GLY C 532 2.19 10.64 -20.15
N GLU C 533 3.35 10.73 -20.80
CA GLU C 533 4.06 9.52 -21.23
C GLU C 533 4.78 8.75 -20.13
N ASP C 534 4.94 9.38 -18.97
CA ASP C 534 5.59 8.71 -17.84
C ASP C 534 4.82 9.03 -16.57
N TRP C 535 4.94 8.16 -15.57
CA TRP C 535 4.23 8.34 -14.30
C TRP C 535 4.43 9.75 -13.71
N LEU C 536 5.65 10.26 -13.78
CA LEU C 536 5.90 11.58 -13.22
C LEU C 536 5.11 12.68 -13.93
N SER C 537 5.10 12.65 -15.27
CA SER C 537 4.37 13.64 -16.06
C SER C 537 2.86 13.55 -15.84
N ALA C 538 2.37 12.35 -15.55
CA ALA C 538 0.96 12.18 -15.29
C ALA C 538 0.57 12.96 -14.03
N LYS C 539 1.21 12.64 -12.90
CA LYS C 539 0.92 13.31 -11.62
C LYS C 539 1.52 14.72 -11.58
MG MG D . -4.48 11.83 -2.51
MG MG E . -1.72 9.57 -3.39
N1 DDS F . 0.69 9.50 7.66
C2 DDS F . -0.52 9.03 7.74
N3 DDS F . -1.41 8.96 6.81
C4 DDS F . -0.93 9.47 5.67
C5 DDS F . 0.29 9.99 5.44
C6 DDS F . 1.12 10.00 6.48
N6 DDS F . 2.31 10.46 6.39
N7 DDS F . 0.44 10.43 4.13
C8 DDS F . -0.69 10.16 3.60
N9 DDS F . -1.55 9.51 4.46
PA DDS F . -1.66 11.20 -0.33
PB DDS F . -3.88 12.94 0.27
PG DDS F . -3.25 14.53 -2.27
C1' DDS F . -2.84 8.85 4.14
O1A DDS F . -0.21 11.53 -0.28
O1B DDS F . -4.18 13.42 1.59
O1G DDS F . -3.23 13.40 -3.14
C2' DDS F . -3.95 9.88 4.15
O2A DDS F . -2.35 11.20 -1.61
O2B DDS F . -4.92 12.09 -0.27
O2G DDS F . -4.07 15.63 -2.76
C3' DDS F . -4.00 10.28 2.67
O3A DDS F . -2.44 12.24 0.48
O3B DDS F . -3.70 14.20 -0.74
O3G DDS F . -1.80 14.93 -2.14
C4' DDS F . -3.76 8.95 1.97
O4' DDS F . -2.80 8.27 2.84
C5' DDS F . -3.19 9.06 0.57
O5' DDS F . -1.94 9.88 0.45
#